data_2QQS
#
_entry.id   2QQS
#
_cell.length_a   54.970
_cell.length_b   27.689
_cell.length_c   82.424
_cell.angle_alpha   90.00
_cell.angle_beta   90.77
_cell.angle_gamma   90.00
#
_symmetry.space_group_name_H-M   'P 1 21 1'
#
loop_
_entity.id
_entity.type
_entity.pdbx_description
1 polymer 'JmjC domain-containing histone demethylation protein 3A'
2 polymer 'METHYLATED HISTONE H4 PEPTIDE'
3 water water
#
loop_
_entity_poly.entity_id
_entity_poly.type
_entity_poly.pdbx_seq_one_letter_code
_entity_poly.pdbx_strand_id
1 'polypeptide(L)'
;GHMQSITAGQKVISKHKNGRFYQCEVVRLTTETFYEVNFDDGSFSDNLYPEDIVSQDCLQFGPPAEGEVVQVRWTDGQVY
GAKFVASHPIQMYQVEFEDGSQLVVKRDDVYTLDEELP
;
A,B
2 'polypeptide(L)' KRHR(M3L)VLRDN C,D
#
# COMPACT_ATOMS: atom_id res chain seq x y z
N GLN A 4 -17.58 27.34 1.88
CA GLN A 4 -17.19 25.91 2.11
C GLN A 4 -15.93 25.50 1.30
N SER A 5 -16.07 25.43 -0.02
CA SER A 5 -15.01 24.94 -0.88
C SER A 5 -14.61 25.92 -1.98
N ILE A 6 -13.38 25.75 -2.45
CA ILE A 6 -12.58 26.79 -3.08
C ILE A 6 -12.66 26.77 -4.63
N THR A 7 -12.57 27.97 -5.25
CA THR A 7 -12.47 28.12 -6.71
C THR A 7 -11.41 29.16 -7.03
N ALA A 8 -10.94 29.20 -8.29
CA ALA A 8 -9.85 30.11 -8.71
C ALA A 8 -10.26 31.57 -8.67
N GLY A 9 -9.34 32.43 -8.26
CA GLY A 9 -9.63 33.85 -8.10
C GLY A 9 -9.92 34.24 -6.66
N GLN A 10 -9.93 33.25 -5.78
CA GLN A 10 -10.31 33.46 -4.40
C GLN A 10 -9.17 33.86 -3.48
N LYS A 11 -9.43 34.81 -2.58
CA LYS A 11 -8.45 35.19 -1.59
C LYS A 11 -8.54 34.18 -0.46
N VAL A 12 -7.37 33.73 0.03
CA VAL A 12 -7.28 32.70 1.09
C VAL A 12 -6.02 32.96 1.92
N ILE A 13 -5.83 32.23 3.02
CA ILE A 13 -4.59 32.39 3.78
C ILE A 13 -3.75 31.10 3.94
N SER A 14 -2.52 31.18 3.46
CA SER A 14 -1.62 30.04 3.34
C SER A 14 -0.18 30.43 3.58
N LYS A 15 0.64 29.45 3.99
CA LYS A 15 2.05 29.70 4.31
C LYS A 15 2.99 29.92 3.11
N HIS A 16 3.70 31.06 3.16
CA HIS A 16 4.73 31.46 2.20
C HIS A 16 6.04 30.80 2.59
N LYS A 17 6.96 30.62 1.64
CA LYS A 17 8.21 29.88 1.94
C LYS A 17 9.04 30.45 3.11
N ASN A 18 8.85 31.73 3.42
CA ASN A 18 9.54 32.32 4.57
C ASN A 18 9.08 31.77 5.94
N GLY A 19 7.94 31.04 5.95
CA GLY A 19 7.42 30.35 7.13
C GLY A 19 6.22 31.00 7.81
N ARG A 20 5.68 32.04 7.18
CA ARG A 20 4.61 32.86 7.75
C ARG A 20 3.34 32.79 6.90
N PHE A 21 2.21 33.13 7.52
CA PHE A 21 0.92 33.12 6.84
C PHE A 21 0.57 34.46 6.20
N TYR A 22 0.07 34.37 4.97
CA TYR A 22 -0.23 35.52 4.14
C TYR A 22 -1.50 35.35 3.37
N GLN A 23 -2.09 36.48 2.98
CA GLN A 23 -3.08 36.51 1.93
C GLN A 23 -2.52 35.88 0.67
N CYS A 24 -3.35 35.07 0.01
CA CYS A 24 -3.02 34.37 -1.22
C CYS A 24 -4.23 34.39 -2.12
N GLU A 25 -4.03 34.61 -3.42
CA GLU A 25 -5.06 34.39 -4.42
C GLU A 25 -4.79 33.10 -5.19
N VAL A 26 -5.76 32.20 -5.15
CA VAL A 26 -5.73 30.93 -5.88
C VAL A 26 -5.83 31.29 -7.35
N VAL A 27 -4.75 31.07 -8.10
CA VAL A 27 -4.73 31.42 -9.52
C VAL A 27 -5.16 30.26 -10.38
N ARG A 28 -5.09 29.06 -9.80
CA ARG A 28 -5.28 27.81 -10.54
C ARG A 28 -5.52 26.60 -9.61
N LEU A 29 -6.35 25.68 -10.11
CA LEU A 29 -6.69 24.43 -9.46
C LEU A 29 -6.22 23.26 -10.32
N THR A 30 -5.49 22.33 -9.69
CA THR A 30 -5.08 21.09 -10.37
C THR A 30 -5.36 19.86 -9.51
N THR A 31 -5.89 18.82 -10.14
CA THR A 31 -5.91 17.53 -9.49
C THR A 31 -4.56 16.85 -9.72
N GLU A 32 -3.96 16.37 -8.65
CA GLU A 32 -2.66 15.75 -8.74
C GLU A 32 -2.56 14.58 -7.79
N THR A 33 -2.14 13.45 -8.36
CA THR A 33 -2.20 12.11 -7.74
C THR A 33 -0.88 11.68 -7.07
N PHE A 34 -0.99 11.12 -5.87
CA PHE A 34 0.17 10.59 -5.15
C PHE A 34 -0.03 9.09 -4.97
N TYR A 35 1.03 8.38 -4.60
CA TYR A 35 1.00 6.93 -4.44
C TYR A 35 1.34 6.51 -3.03
N GLU A 36 0.51 5.65 -2.46
CA GLU A 36 0.77 5.04 -1.15
C GLU A 36 1.34 3.65 -1.36
N VAL A 37 2.46 3.40 -0.69
CA VAL A 37 3.21 2.12 -0.82
C VAL A 37 3.52 1.52 0.55
N ASN A 38 3.83 0.23 0.57
CA ASN A 38 4.27 -0.44 1.81
C ASN A 38 5.70 -0.96 1.74
N PHE A 39 6.65 -0.12 2.13
CA PHE A 39 8.04 -0.54 2.13
C PHE A 39 8.28 -1.83 2.90
N ASP A 40 9.06 -2.72 2.31
CA ASP A 40 9.39 -4.01 2.94
C ASP A 40 10.16 -3.82 4.28
N ASP A 41 10.29 -2.58 4.72
CA ASP A 41 10.88 -2.32 6.02
C ASP A 41 9.80 -1.92 7.03
N GLY A 42 8.56 -2.22 6.67
CA GLY A 42 7.43 -2.00 7.57
C GLY A 42 6.95 -0.57 7.68
N SER A 43 7.54 0.35 6.93
CA SER A 43 7.06 1.72 6.91
C SER A 43 6.24 1.92 5.63
N PHE A 44 5.92 3.18 5.31
CA PHE A 44 5.05 3.50 4.16
C PHE A 44 5.24 4.93 3.64
N SER A 45 4.57 5.25 2.55
CA SER A 45 4.54 6.63 2.13
C SER A 45 3.36 6.87 1.22
N ASP A 46 2.64 7.96 1.42
CA ASP A 46 1.56 8.29 0.50
C ASP A 46 1.79 9.60 -0.21
N ASN A 47 2.98 10.18 -0.05
CA ASN A 47 3.27 11.39 -0.78
C ASN A 47 4.21 11.13 -1.96
N LEU A 48 4.01 9.98 -2.62
CA LEU A 48 4.83 9.57 -3.74
C LEU A 48 4.24 9.89 -5.08
N TYR A 49 5.09 10.51 -5.90
CA TYR A 49 4.78 10.76 -7.29
C TYR A 49 4.91 9.48 -8.06
N PRO A 50 3.95 9.24 -8.99
CA PRO A 50 3.90 8.08 -9.89
C PRO A 50 5.22 7.76 -10.59
N GLU A 51 6.04 8.77 -10.86
CA GLU A 51 7.31 8.56 -11.56
C GLU A 51 8.29 7.77 -10.69
N ASP A 52 8.08 7.76 -9.38
CA ASP A 52 9.02 7.07 -8.49
C ASP A 52 8.82 5.56 -8.46
N ILE A 53 7.77 5.05 -9.08
CA ILE A 53 7.65 3.58 -9.28
C ILE A 53 8.40 3.25 -10.57
N VAL A 54 9.58 2.66 -10.42
CA VAL A 54 10.51 2.48 -11.51
C VAL A 54 10.34 1.12 -12.19
N SER A 55 9.57 0.24 -11.55
CA SER A 55 9.36 -1.15 -11.95
C SER A 55 8.35 -1.35 -13.09
N GLN A 56 7.42 -0.42 -13.20
CA GLN A 56 6.48 -0.34 -14.33
C GLN A 56 6.24 1.13 -14.57
N ASP A 57 5.77 1.48 -15.77
CA ASP A 57 5.41 2.88 -16.04
C ASP A 57 4.01 3.16 -15.60
N CYS A 58 3.90 4.04 -14.62
CA CYS A 58 2.62 4.41 -14.03
C CYS A 58 2.20 5.78 -14.50
N LEU A 59 3.17 6.53 -15.02
CA LEU A 59 2.92 7.85 -15.54
C LEU A 59 2.31 7.76 -16.94
N GLN A 60 2.32 6.54 -17.46
CA GLN A 60 1.89 6.27 -18.81
C GLN A 60 0.73 5.26 -18.77
N PHE A 61 0.72 4.34 -17.79
CA PHE A 61 -0.30 3.27 -17.78
C PHE A 61 -1.28 3.23 -16.60
N GLY A 62 -1.06 4.08 -15.59
CA GLY A 62 -1.89 4.13 -14.39
C GLY A 62 -1.29 3.38 -13.22
N PRO A 63 -1.97 3.38 -12.08
CA PRO A 63 -1.43 2.76 -10.85
C PRO A 63 -1.21 1.26 -11.00
N PRO A 64 -0.29 0.69 -10.20
CA PRO A 64 -0.18 -0.75 -10.13
C PRO A 64 -1.47 -1.35 -9.60
N ALA A 65 -1.65 -2.66 -9.80
CA ALA A 65 -2.68 -3.41 -9.08
C ALA A 65 -2.46 -3.19 -7.58
N GLU A 66 -3.52 -3.31 -6.81
CA GLU A 66 -3.40 -3.16 -5.38
C GLU A 66 -2.51 -4.30 -4.89
N GLY A 67 -1.77 -4.07 -3.80
CA GLY A 67 -0.87 -5.10 -3.23
C GLY A 67 0.25 -5.58 -4.14
N GLU A 68 0.38 -4.95 -5.30
CA GLU A 68 1.42 -5.24 -6.30
C GLU A 68 2.83 -4.99 -5.72
N VAL A 69 3.74 -5.94 -5.97
CA VAL A 69 5.15 -5.77 -5.60
C VAL A 69 5.74 -4.73 -6.54
N VAL A 70 6.39 -3.71 -5.98
CA VAL A 70 6.89 -2.58 -6.78
C VAL A 70 8.28 -2.10 -6.37
N GLN A 71 9.06 -1.57 -7.32
CA GLN A 71 10.31 -0.84 -7.02
C GLN A 71 10.14 0.68 -7.00
N VAL A 72 10.65 1.30 -5.93
CA VAL A 72 10.38 2.72 -5.71
C VAL A 72 11.64 3.47 -5.39
N ARG A 73 11.87 4.53 -6.17
CA ARG A 73 12.90 5.50 -5.90
C ARG A 73 12.46 6.38 -4.72
N TRP A 74 13.17 6.24 -3.62
CA TRP A 74 12.94 7.06 -2.44
C TRP A 74 13.54 8.46 -2.70
N THR A 75 13.44 9.36 -1.72
CA THR A 75 13.77 10.78 -1.90
C THR A 75 15.27 11.02 -1.90
N ASP A 76 16.02 9.94 -1.59
CA ASP A 76 17.47 9.95 -1.71
C ASP A 76 17.84 9.34 -3.08
N GLY A 77 16.86 9.31 -3.98
CA GLY A 77 17.05 8.75 -5.31
C GLY A 77 17.49 7.29 -5.36
N GLN A 78 17.50 6.59 -4.22
CA GLN A 78 17.84 5.15 -4.15
C GLN A 78 16.60 4.24 -4.14
N VAL A 79 16.70 3.07 -4.76
CA VAL A 79 15.52 2.24 -5.08
C VAL A 79 15.23 1.11 -4.09
N TYR A 80 14.03 1.14 -3.51
CA TYR A 80 13.66 0.19 -2.47
C TYR A 80 12.49 -0.65 -2.92
N GLY A 81 12.41 -1.85 -2.35
CA GLY A 81 11.29 -2.73 -2.54
C GLY A 81 10.12 -2.28 -1.70
N ALA A 82 8.92 -2.29 -2.30
CA ALA A 82 7.64 -2.00 -1.64
C ALA A 82 6.50 -2.92 -2.10
N LYS A 83 5.28 -2.41 -1.98
CA LYS A 83 4.06 -3.17 -2.17
C LYS A 83 2.91 -2.15 -2.30
N PHE A 84 2.32 -2.06 -3.51
CA PHE A 84 1.38 -0.97 -3.83
C PHE A 84 0.14 -0.98 -2.96
N VAL A 85 -0.07 0.10 -2.20
CA VAL A 85 -1.29 0.20 -1.42
C VAL A 85 -2.39 0.83 -2.25
N ALA A 86 -2.16 2.09 -2.63
CA ALA A 86 -3.25 2.91 -3.14
C ALA A 86 -2.77 4.14 -3.91
N SER A 87 -3.68 4.71 -4.70
CA SER A 87 -3.43 5.92 -5.47
C SER A 87 -4.43 7.03 -5.05
N HIS A 88 -3.86 8.09 -4.44
CA HIS A 88 -4.61 9.20 -3.84
C HIS A 88 -4.70 10.45 -4.71
N PRO A 89 -5.83 10.60 -5.41
CA PRO A 89 -6.12 11.75 -6.26
C PRO A 89 -6.49 12.96 -5.41
N ILE A 90 -5.57 13.92 -5.31
CA ILE A 90 -5.77 15.09 -4.48
C ILE A 90 -5.93 16.36 -5.33
N GLN A 91 -6.85 17.20 -4.91
CA GLN A 91 -7.03 18.52 -5.50
C GLN A 91 -6.02 19.43 -4.82
N MET A 92 -5.13 20.01 -5.63
CA MET A 92 -4.07 20.90 -5.16
C MET A 92 -4.44 22.30 -5.55
N TYR A 93 -3.89 23.25 -4.81
CA TYR A 93 -4.23 24.65 -4.99
C TYR A 93 -2.97 25.47 -5.25
N GLN A 94 -2.85 26.00 -6.45
CA GLN A 94 -1.81 26.96 -6.73
C GLN A 94 -2.31 28.36 -6.33
N VAL A 95 -1.59 28.96 -5.40
CA VAL A 95 -1.92 30.28 -4.90
C VAL A 95 -0.87 31.26 -5.40
N GLU A 96 -1.05 32.55 -5.07
CA GLU A 96 -0.03 33.54 -5.34
C GLU A 96 -0.04 34.62 -4.27
N PHE A 97 1.16 35.01 -3.87
CA PHE A 97 1.36 36.05 -2.87
C PHE A 97 1.68 37.37 -3.55
N GLU A 98 1.68 38.42 -2.75
CA GLU A 98 1.80 39.82 -3.20
C GLU A 98 3.15 40.11 -3.78
N ASP A 99 4.17 39.43 -3.29
CA ASP A 99 5.49 39.54 -3.94
C ASP A 99 5.51 38.80 -5.28
N GLY A 100 4.45 38.05 -5.56
CA GLY A 100 4.33 37.39 -6.84
C GLY A 100 4.74 35.94 -6.79
N SER A 101 5.08 35.46 -5.59
CA SER A 101 5.48 34.05 -5.41
C SER A 101 4.28 33.15 -5.59
N GLN A 102 4.55 31.85 -5.66
CA GLN A 102 3.50 30.90 -5.96
C GLN A 102 3.87 29.52 -5.44
N LEU A 103 2.88 28.85 -4.85
CA LEU A 103 3.09 27.51 -4.34
C LEU A 103 1.85 26.63 -4.59
N VAL A 104 2.10 25.39 -4.99
CA VAL A 104 1.04 24.44 -5.18
C VAL A 104 0.87 23.83 -3.83
N VAL A 105 -0.37 23.68 -3.38
CA VAL A 105 -0.61 23.29 -1.98
C VAL A 105 -1.90 22.45 -1.75
N LYS A 106 -1.98 21.82 -0.59
CA LYS A 106 -3.14 21.01 -0.21
C LYS A 106 -4.23 21.73 0.60
N ARG A 107 -4.30 21.44 1.90
CA ARG A 107 -5.59 21.26 2.56
C ARG A 107 -6.66 22.21 2.02
N ASP A 108 -6.57 23.50 2.33
CA ASP A 108 -6.62 24.07 3.70
C ASP A 108 -5.36 23.77 4.55
N ASP A 109 -4.29 23.43 3.84
CA ASP A 109 -3.02 24.13 4.02
C ASP A 109 -3.18 25.52 3.42
N VAL A 110 -4.34 25.71 2.82
CA VAL A 110 -4.90 27.00 2.49
C VAL A 110 -6.13 27.28 3.35
N TYR A 111 -5.92 27.86 4.53
CA TYR A 111 -7.03 28.26 5.40
C TYR A 111 -7.91 29.37 4.79
N THR A 112 -9.18 29.40 5.21
CA THR A 112 -10.18 30.20 4.54
C THR A 112 -10.99 31.11 5.47
N ILE B 6 5.55 -5.45 19.12
CA ILE B 6 4.21 -6.12 19.09
C ILE B 6 4.21 -7.44 19.89
N THR B 7 4.17 -7.30 21.22
CA THR B 7 4.20 -8.43 22.18
C THR B 7 3.03 -9.41 22.08
N ALA B 8 3.12 -10.51 22.85
CA ALA B 8 2.06 -11.52 22.96
C ALA B 8 1.67 -11.69 24.43
N GLY B 9 0.50 -11.17 24.79
CA GLY B 9 -0.33 -10.46 23.87
C GLY B 9 -0.67 -9.08 24.36
N GLN B 10 -0.61 -8.11 23.46
CA GLN B 10 -1.06 -6.74 23.76
C GLN B 10 -2.57 -6.59 23.48
N LYS B 11 -3.12 -5.43 23.84
CA LYS B 11 -4.51 -5.10 23.54
C LYS B 11 -4.55 -4.27 22.26
N VAL B 12 -4.67 -4.95 21.13
CA VAL B 12 -4.75 -4.23 19.87
C VAL B 12 -6.17 -4.14 19.35
N ILE B 13 -6.33 -3.45 18.23
CA ILE B 13 -7.60 -3.34 17.54
C ILE B 13 -7.49 -4.02 16.18
N SER B 14 -8.35 -5.00 15.97
CA SER B 14 -8.44 -5.69 14.70
C SER B 14 -9.91 -5.89 14.34
N LYS B 15 -10.16 -6.40 13.15
CA LYS B 15 -11.53 -6.57 12.66
C LYS B 15 -12.06 -7.95 13.02
N HIS B 16 -13.26 -7.98 13.60
CA HIS B 16 -13.99 -9.21 13.84
C HIS B 16 -14.67 -9.51 12.52
N LYS B 17 -15.14 -10.73 12.30
CA LYS B 17 -15.78 -11.01 11.02
C LYS B 17 -17.26 -10.66 11.03
N ASN B 18 -17.72 -10.00 12.08
CA ASN B 18 -19.01 -9.34 11.92
C ASN B 18 -18.81 -7.98 11.22
N GLY B 19 -17.59 -7.75 10.73
CA GLY B 19 -17.28 -6.52 10.03
C GLY B 19 -16.89 -5.40 10.96
N ARG B 20 -17.04 -5.63 12.26
CA ARG B 20 -16.78 -4.62 13.29
C ARG B 20 -15.38 -4.63 13.88
N PHE B 21 -14.87 -3.44 14.21
CA PHE B 21 -13.61 -3.26 14.93
C PHE B 21 -13.80 -3.46 16.44
N TYR B 22 -12.93 -4.28 17.02
CA TYR B 22 -12.97 -4.60 18.42
C TYR B 22 -11.55 -4.69 18.94
N GLN B 23 -11.44 -4.46 20.23
CA GLN B 23 -10.22 -4.70 20.94
C GLN B 23 -9.92 -6.18 21.06
N CYS B 24 -8.64 -6.50 20.94
CA CYS B 24 -8.14 -7.88 20.87
C CYS B 24 -7.03 -8.13 21.86
N GLU B 25 -6.40 -9.28 21.69
CA GLU B 25 -5.34 -9.76 22.53
C GLU B 25 -4.69 -10.81 21.62
N VAL B 26 -3.41 -10.58 21.32
CA VAL B 26 -2.60 -11.49 20.56
C VAL B 26 -2.36 -12.73 21.40
N VAL B 27 -2.61 -13.89 20.82
CA VAL B 27 -2.25 -15.15 21.46
C VAL B 27 -0.94 -15.54 20.81
N ARG B 28 -0.89 -15.45 19.49
CA ARG B 28 0.19 -16.02 18.72
C ARG B 28 0.76 -15.05 17.72
N LEU B 29 2.07 -15.10 17.58
CA LEU B 29 2.72 -14.58 16.39
C LEU B 29 3.02 -15.87 15.64
N THR B 30 2.64 -15.92 14.37
CA THR B 30 3.08 -16.99 13.48
C THR B 30 3.58 -16.30 12.20
N THR B 31 4.32 -17.06 11.41
CA THR B 31 4.62 -16.64 10.05
C THR B 31 3.99 -17.66 9.11
N GLU B 32 3.24 -17.14 8.16
CA GLU B 32 2.65 -17.93 7.11
C GLU B 32 3.29 -17.51 5.82
N THR B 33 3.72 -18.49 5.03
CA THR B 33 4.23 -18.23 3.69
C THR B 33 3.09 -18.26 2.66
N PHE B 34 3.16 -17.34 1.70
CA PHE B 34 2.26 -17.31 0.56
C PHE B 34 3.12 -17.28 -0.69
N TYR B 35 2.56 -17.70 -1.83
CA TYR B 35 3.31 -17.75 -3.08
C TYR B 35 2.72 -16.77 -4.09
N GLU B 36 3.58 -15.95 -4.68
CA GLU B 36 3.20 -15.04 -5.78
C GLU B 36 3.44 -15.71 -7.13
N VAL B 37 2.36 -15.90 -7.89
CA VAL B 37 2.45 -16.50 -9.21
C VAL B 37 1.71 -15.65 -10.24
N ASN B 38 2.16 -15.79 -11.50
CA ASN B 38 1.51 -15.18 -12.64
C ASN B 38 0.63 -16.22 -13.30
N PHE B 39 -0.56 -15.79 -13.73
CA PHE B 39 -1.45 -16.69 -14.43
C PHE B 39 -1.36 -16.64 -15.93
N ASP B 40 -1.86 -17.72 -16.55
CA ASP B 40 -1.89 -17.95 -17.99
C ASP B 40 -2.46 -16.77 -18.79
N ASP B 41 -3.05 -15.81 -18.08
CA ASP B 41 -3.86 -14.78 -18.71
C ASP B 41 -3.63 -13.41 -18.10
N GLY B 42 -2.37 -13.02 -18.01
CA GLY B 42 -1.99 -11.68 -17.56
C GLY B 42 -2.32 -11.39 -16.11
N SER B 43 -2.95 -12.37 -15.45
CA SER B 43 -3.43 -12.20 -14.10
C SER B 43 -2.34 -12.62 -13.12
N PHE B 44 -2.58 -12.36 -11.84
CA PHE B 44 -1.72 -12.91 -10.79
C PHE B 44 -2.54 -13.13 -9.52
N SER B 45 -1.93 -13.83 -8.57
CA SER B 45 -2.44 -13.87 -7.22
C SER B 45 -1.24 -13.87 -6.29
N ASP B 46 -1.33 -13.16 -5.17
CA ASP B 46 -0.20 -13.15 -4.24
C ASP B 46 -0.55 -13.75 -2.89
N ASN B 47 -1.71 -14.40 -2.80
CA ASN B 47 -2.18 -14.99 -1.57
C ASN B 47 -2.35 -16.48 -1.67
N LEU B 48 -1.58 -17.12 -2.55
CA LEU B 48 -1.71 -18.55 -2.74
C LEU B 48 -0.82 -19.29 -1.78
N TYR B 49 -1.34 -20.36 -1.23
CA TYR B 49 -0.59 -21.17 -0.31
C TYR B 49 0.32 -22.10 -1.13
N PRO B 50 1.49 -22.47 -0.57
CA PRO B 50 2.39 -23.48 -1.11
C PRO B 50 1.65 -24.76 -1.54
N GLU B 51 0.69 -25.19 -0.73
CA GLU B 51 -0.09 -26.42 -0.96
C GLU B 51 -0.94 -26.34 -2.23
N ASP B 52 -1.14 -25.12 -2.74
CA ASP B 52 -1.91 -24.94 -3.99
C ASP B 52 -1.13 -25.26 -5.26
N ILE B 53 0.21 -25.27 -5.19
CA ILE B 53 1.02 -25.74 -6.34
C ILE B 53 0.95 -27.26 -6.41
N VAL B 54 0.26 -27.79 -7.41
CA VAL B 54 0.06 -29.22 -7.50
C VAL B 54 1.10 -29.93 -8.36
N SER B 55 1.76 -29.16 -9.21
CA SER B 55 2.87 -29.66 -10.05
C SER B 55 4.06 -30.16 -9.23
N GLN B 56 4.28 -29.61 -8.04
CA GLN B 56 5.35 -30.11 -7.19
C GLN B 56 5.04 -29.98 -5.72
N ASP B 57 5.92 -30.49 -4.87
CA ASP B 57 5.65 -30.60 -3.45
C ASP B 57 6.41 -29.54 -2.70
N CYS B 58 5.76 -28.39 -2.49
CA CYS B 58 6.45 -27.24 -1.94
C CYS B 58 6.33 -27.22 -0.43
N LEU B 59 5.43 -28.03 0.12
CA LEU B 59 5.23 -28.03 1.55
C LEU B 59 6.36 -28.81 2.20
N GLN B 60 6.81 -29.81 1.44
CA GLN B 60 7.87 -30.70 1.84
C GLN B 60 9.22 -30.16 1.38
N PHE B 61 9.27 -29.55 0.18
CA PHE B 61 10.56 -29.22 -0.44
C PHE B 61 11.00 -27.75 -0.57
N GLY B 62 10.07 -26.81 -0.47
CA GLY B 62 10.35 -25.41 -0.73
C GLY B 62 9.72 -24.89 -2.01
N PRO B 63 9.78 -23.57 -2.22
CA PRO B 63 9.13 -22.98 -3.42
C PRO B 63 9.77 -23.44 -4.75
N PRO B 64 9.03 -23.28 -5.87
CA PRO B 64 9.62 -23.54 -7.16
C PRO B 64 10.73 -22.53 -7.38
N ALA B 65 11.53 -22.75 -8.42
CA ALA B 65 12.38 -21.68 -8.90
C ALA B 65 11.48 -20.60 -9.44
N GLU B 66 11.87 -19.36 -9.20
CA GLU B 66 11.20 -18.23 -9.78
C GLU B 66 11.28 -18.39 -11.28
N GLY B 67 10.24 -17.95 -11.98
CA GLY B 67 10.09 -18.17 -13.42
C GLY B 67 9.76 -19.62 -13.77
N GLU B 68 9.47 -20.45 -12.77
CA GLU B 68 9.13 -21.84 -13.04
C GLU B 68 7.67 -22.04 -13.44
N VAL B 69 7.47 -22.84 -14.49
CA VAL B 69 6.13 -23.23 -14.88
C VAL B 69 5.59 -24.06 -13.75
N VAL B 70 4.42 -23.68 -13.27
CA VAL B 70 3.73 -24.42 -12.23
C VAL B 70 2.24 -24.58 -12.55
N GLN B 71 1.66 -25.67 -12.05
CA GLN B 71 0.22 -25.92 -12.12
C GLN B 71 -0.36 -25.60 -10.75
N VAL B 72 -1.30 -24.67 -10.70
CA VAL B 72 -1.82 -24.18 -9.43
C VAL B 72 -3.32 -24.34 -9.32
N ARG B 73 -3.77 -24.79 -8.14
CA ARG B 73 -5.16 -24.96 -7.81
C ARG B 73 -5.79 -23.66 -7.32
N TRP B 74 -6.75 -23.15 -8.09
CA TRP B 74 -7.43 -21.88 -7.80
C TRP B 74 -8.53 -22.08 -6.77
N THR B 75 -9.12 -20.99 -6.28
CA THR B 75 -10.18 -21.03 -5.24
C THR B 75 -11.37 -21.92 -5.62
N ASP B 76 -11.60 -22.08 -6.93
CA ASP B 76 -12.60 -23.00 -7.45
C ASP B 76 -12.12 -24.45 -7.50
N GLY B 77 -10.99 -24.73 -6.89
CA GLY B 77 -10.49 -26.11 -6.85
C GLY B 77 -9.96 -26.65 -8.18
N GLN B 78 -9.93 -25.81 -9.22
CA GLN B 78 -9.44 -26.19 -10.56
C GLN B 78 -7.96 -25.86 -10.80
N VAL B 79 -7.31 -26.66 -11.64
CA VAL B 79 -5.88 -26.44 -11.92
C VAL B 79 -5.67 -25.55 -13.17
N TYR B 80 -4.83 -24.53 -12.97
CA TYR B 80 -4.46 -23.56 -14.00
C TYR B 80 -2.96 -23.40 -14.16
N GLY B 81 -2.55 -23.19 -15.40
CA GLY B 81 -1.16 -22.92 -15.75
C GLY B 81 -0.70 -21.53 -15.37
N ALA B 82 0.53 -21.48 -14.83
CA ALA B 82 1.13 -20.25 -14.31
C ALA B 82 2.64 -20.40 -14.17
N LYS B 83 3.27 -19.31 -13.75
CA LYS B 83 4.69 -19.25 -13.44
C LYS B 83 4.94 -18.71 -12.02
N PHE B 84 5.93 -19.27 -11.33
CA PHE B 84 6.25 -18.77 -10.02
C PHE B 84 6.99 -17.44 -10.12
N VAL B 85 6.78 -16.57 -9.14
CA VAL B 85 7.51 -15.33 -9.07
C VAL B 85 8.28 -15.29 -7.76
N ALA B 86 7.58 -15.27 -6.63
CA ALA B 86 8.29 -15.30 -5.35
C ALA B 86 7.44 -15.74 -4.18
N SER B 87 8.11 -16.13 -3.12
CA SER B 87 7.46 -16.60 -1.91
C SER B 87 7.36 -15.47 -0.90
N HIS B 88 6.14 -15.13 -0.53
CA HIS B 88 5.91 -14.00 0.36
C HIS B 88 5.56 -14.46 1.78
N PRO B 89 6.58 -14.53 2.64
CA PRO B 89 6.41 -15.00 4.01
C PRO B 89 5.90 -13.89 4.92
N ILE B 90 4.75 -14.06 5.53
CA ILE B 90 4.13 -12.91 6.15
C ILE B 90 3.98 -13.06 7.64
N GLN B 91 4.11 -11.91 8.34
CA GLN B 91 3.99 -11.83 9.79
C GLN B 91 2.54 -11.75 10.23
N MET B 92 2.11 -12.78 10.97
CA MET B 92 0.72 -12.97 11.32
C MET B 92 0.50 -12.92 12.81
N TYR B 93 -0.69 -12.45 13.14
CA TYR B 93 -1.10 -12.26 14.50
C TYR B 93 -2.44 -12.96 14.68
N GLN B 94 -2.44 -13.99 15.53
CA GLN B 94 -3.68 -14.62 15.98
C GLN B 94 -4.34 -13.80 17.08
N VAL B 95 -5.54 -13.30 16.82
CA VAL B 95 -6.23 -12.40 17.76
C VAL B 95 -7.54 -12.95 18.34
N GLU B 96 -7.75 -12.71 19.63
CA GLU B 96 -8.99 -13.15 20.28
C GLU B 96 -9.84 -11.98 20.74
N PHE B 97 -11.16 -12.16 20.68
CA PHE B 97 -12.11 -11.14 21.07
C PHE B 97 -12.85 -11.42 22.40
N GLU B 98 -13.69 -10.45 22.80
CA GLU B 98 -14.56 -10.54 24.00
C GLU B 98 -15.20 -11.92 24.16
N ASP B 99 -15.71 -12.47 23.06
CA ASP B 99 -16.33 -13.79 23.09
C ASP B 99 -15.28 -14.87 23.19
N GLY B 100 -14.27 -14.79 22.32
CA GLY B 100 -13.23 -15.79 22.27
C GLY B 100 -13.27 -16.48 20.93
N SER B 101 -13.81 -15.75 19.95
CA SER B 101 -13.57 -16.06 18.56
C SER B 101 -12.14 -15.65 18.28
N GLN B 102 -11.60 -16.14 17.16
CA GLN B 102 -10.18 -15.96 16.89
C GLN B 102 -9.90 -15.84 15.41
N LEU B 103 -9.02 -14.90 15.05
CA LEU B 103 -8.64 -14.71 13.64
C LEU B 103 -7.15 -14.55 13.46
N VAL B 104 -6.63 -15.16 12.41
CA VAL B 104 -5.26 -14.93 12.04
C VAL B 104 -5.28 -13.89 10.92
N VAL B 105 -4.89 -12.69 11.31
CA VAL B 105 -4.88 -11.53 10.45
C VAL B 105 -3.42 -11.16 10.27
N LYS B 106 -3.15 -10.14 9.45
CA LYS B 106 -1.78 -9.62 9.33
C LYS B 106 -1.53 -8.35 10.14
N ARG B 107 -0.36 -7.77 9.92
CA ARG B 107 0.05 -6.57 10.61
C ARG B 107 -0.80 -5.41 10.15
N ASP B 108 -1.00 -5.29 8.83
CA ASP B 108 -1.78 -4.15 8.35
C ASP B 108 -3.27 -4.44 8.39
N ASP B 109 -3.62 -5.32 9.35
CA ASP B 109 -4.97 -5.52 9.84
C ASP B 109 -5.02 -5.20 11.33
N VAL B 110 -3.85 -4.96 11.93
CA VAL B 110 -3.72 -4.75 13.38
C VAL B 110 -3.28 -3.32 13.75
N TYR B 111 -4.02 -2.68 14.67
CA TYR B 111 -3.81 -1.27 15.03
C TYR B 111 -3.45 -1.11 16.50
N THR B 112 -2.69 -0.06 16.85
CA THR B 112 -2.36 0.26 18.25
C THR B 112 -2.22 1.75 18.50
N LEU B 113 -1.34 2.12 19.44
CA LEU B 113 -1.00 3.52 19.76
C LEU B 113 -2.21 4.36 20.11
N ARG C 2 -3.42 -5.88 -16.86
CA ARG C 2 -1.98 -5.97 -17.17
C ARG C 2 -1.15 -6.21 -15.93
N HIS C 3 -1.52 -7.25 -15.19
CA HIS C 3 -1.15 -7.35 -13.78
C HIS C 3 -1.90 -6.17 -13.12
N ARG C 4 -2.99 -6.41 -12.37
CA ARG C 4 -3.96 -7.52 -12.55
C ARG C 4 -4.05 -8.54 -11.43
N VAL C 6 -4.96 -9.18 -6.80
CA VAL C 6 -4.76 -8.92 -5.34
C VAL C 6 -5.77 -7.94 -4.76
N ARG D 2 1.86 1.05 10.58
CA ARG D 2 3.15 1.31 9.94
C ARG D 2 3.61 2.73 10.25
N HIS D 3 4.90 2.98 10.06
CA HIS D 3 5.45 4.31 10.29
C HIS D 3 5.52 5.08 9.01
N ARG D 4 5.70 6.39 9.13
CA ARG D 4 5.70 7.29 7.98
C ARG D 4 6.89 7.31 7.00
N VAL D 6 11.02 8.48 6.81
CA VAL D 6 11.98 9.55 6.40
C VAL D 6 13.50 9.12 6.43
N LEU D 7 13.77 7.80 6.19
CA LEU D 7 15.15 7.34 5.88
C LEU D 7 15.16 6.85 4.41
N ARG D 8 16.31 6.48 3.82
CA ARG D 8 17.70 6.50 4.36
C ARG D 8 17.86 6.40 5.89
#